data_6H22
#
_entry.id   6H22
#
_cell.length_a   64.416
_cell.length_b   72.186
_cell.length_c   45.124
_cell.angle_alpha   90.000
_cell.angle_beta   90.000
_cell.angle_gamma   90.000
#
_symmetry.space_group_name_H-M   'P 21 21 21'
#
loop_
_entity.id
_entity.type
_entity.pdbx_description
1 polymer 'E3 ubiquitin-protein ligase Mdm2'
2 polymer 'Stapled peptide'
3 non-polymer "12-(dimethylamino)-3,10-diethyl-N,N,N-trimethyl-3,10-dihydrodibenzo[3,4:7,8]cycloocta[1,2-d:5,6-d']bis([1,2,3]triazole)-5-aminium"
4 water water
#
loop_
_entity_poly.entity_id
_entity_poly.type
_entity_poly.pdbx_seq_one_letter_code
_entity_poly.pdbx_strand_id
1 'polypeptide(L)'
;GPLGSSQIPASEQETLVRPKPLLLKLLKSVGAQKDTYTMKEVLFYLGQYIMTKRLYDAAQQHIVYCSNDLLGDLFGVPSF
SVKEHRKIYTMIYRNLV
;
A,B
2 'polypeptide(L)' (ACE)LTFAEYWAQLAS(NH2) C,D
#
loop_
_chem_comp.id
_chem_comp.type
_chem_comp.name
_chem_comp.formula
ACE non-polymer 'ACETYL GROUP' 'C2 H4 O'
FL5 non-polymer 12-(dimethylamino)-3,10-diethyl-N,N,N-trimethyl-3,10-dihydrodibenzo[3,4:7,8]cycloocta[1,2-d:5,6-d']bis([1,2,3]triazole)-5-aminium 'C25 H31 N8 1'
NH2 non-polymer 'AMINO GROUP' 'H2 N'
#
# COMPACT_ATOMS: atom_id res chain seq x y z
N GLN A 7 -23.45 6.11 -20.81
CA GLN A 7 -23.33 6.26 -19.36
C GLN A 7 -22.86 4.95 -18.72
N ILE A 8 -22.59 4.99 -17.43
CA ILE A 8 -22.31 3.78 -16.67
C ILE A 8 -23.39 3.65 -15.61
N PRO A 9 -24.01 2.45 -15.54
CA PRO A 9 -25.17 2.16 -14.68
C PRO A 9 -25.02 2.68 -13.26
N ALA A 10 -26.09 3.27 -12.74
CA ALA A 10 -26.08 3.86 -11.40
C ALA A 10 -25.74 2.83 -10.34
N SER A 11 -26.21 1.60 -10.53
CA SER A 11 -25.97 0.53 -9.57
C SER A 11 -24.48 0.29 -9.41
N GLU A 12 -23.74 0.43 -10.51
CA GLU A 12 -22.30 0.26 -10.46
C GLU A 12 -21.65 1.48 -9.81
N GLN A 13 -22.24 2.65 -10.03
CA GLN A 13 -21.69 3.89 -9.50
C GLN A 13 -21.68 3.89 -7.96
N GLU A 14 -22.68 3.28 -7.35
CA GLU A 14 -22.75 3.29 -5.89
C GLU A 14 -22.40 1.94 -5.28
N THR A 15 -21.67 1.12 -6.03
CA THR A 15 -21.06 -0.08 -5.48
C THR A 15 -19.94 0.32 -4.51
N LEU A 16 -19.91 -0.31 -3.33
CA LEU A 16 -18.89 -0.01 -2.33
C LEU A 16 -17.60 -0.79 -2.59
N VAL A 17 -16.49 -0.08 -2.55
CA VAL A 17 -15.18 -0.63 -2.85
C VAL A 17 -14.15 -0.19 -1.81
N ARG A 18 -13.09 -0.98 -1.68
CA ARG A 18 -11.98 -0.67 -0.80
C ARG A 18 -10.70 -0.52 -1.60
N PRO A 19 -10.17 0.70 -1.67
CA PRO A 19 -8.97 0.95 -2.49
C PRO A 19 -7.71 0.38 -1.87
N LYS A 20 -6.84 -0.15 -2.73
CA LYS A 20 -5.49 -0.53 -2.33
C LYS A 20 -4.76 0.66 -1.74
N PRO A 21 -3.72 0.40 -0.92
CA PRO A 21 -2.98 1.41 -0.18
C PRO A 21 -2.48 2.59 -1.02
N LEU A 22 -1.96 2.34 -2.21
CA LEU A 22 -1.43 3.45 -3.00
C LEU A 22 -2.57 4.34 -3.52
N LEU A 23 -3.64 3.72 -4.00
CA LEU A 23 -4.79 4.48 -4.46
C LEU A 23 -5.40 5.28 -3.31
N LEU A 24 -5.49 4.65 -2.15
CA LEU A 24 -6.05 5.29 -0.98
C LEU A 24 -5.23 6.50 -0.61
N LYS A 25 -3.92 6.35 -0.65
CA LYS A 25 -3.03 7.47 -0.36
C LYS A 25 -3.32 8.64 -1.27
N LEU A 26 -3.48 8.34 -2.56
CA LEU A 26 -3.83 9.39 -3.52
C LEU A 26 -5.15 10.08 -3.19
N LEU A 27 -6.20 9.30 -2.90
CA LEU A 27 -7.51 9.85 -2.56
C LEU A 27 -7.46 10.75 -1.33
N LYS A 28 -6.79 10.28 -0.28
CA LYS A 28 -6.72 11.05 0.95
C LYS A 28 -5.89 12.31 0.77
N SER A 29 -4.91 12.28 -0.15
CA SER A 29 -4.05 13.44 -0.35
C SER A 29 -4.82 14.66 -0.86
N VAL A 30 -6.02 14.45 -1.39
CA VAL A 30 -6.84 15.57 -1.84
C VAL A 30 -8.06 15.75 -0.95
N GLY A 31 -8.08 15.08 0.20
CA GLY A 31 -9.08 15.37 1.21
C GLY A 31 -10.03 14.27 1.62
N ALA A 32 -9.96 13.12 0.95
CA ALA A 32 -10.80 11.98 1.32
C ALA A 32 -10.45 11.50 2.73
N GLN A 33 -11.45 11.04 3.48
CA GLN A 33 -11.23 10.67 4.88
C GLN A 33 -11.57 9.22 5.19
N LYS A 34 -12.23 8.55 4.27
CA LYS A 34 -12.77 7.23 4.55
C LYS A 34 -11.83 6.11 4.10
N ASP A 35 -12.20 4.88 4.43
CA ASP A 35 -11.42 3.72 4.04
C ASP A 35 -12.12 2.97 2.92
N THR A 36 -13.45 3.02 2.91
CA THR A 36 -14.23 2.47 1.80
C THR A 36 -15.04 3.57 1.13
N TYR A 37 -15.22 3.44 -0.19
CA TYR A 37 -15.89 4.48 -0.96
C TYR A 37 -16.85 3.85 -1.95
N THR A 38 -17.83 4.60 -2.43
CA THR A 38 -18.53 4.15 -3.62
C THR A 38 -17.66 4.51 -4.83
N MET A 39 -17.88 3.86 -5.96
CA MET A 39 -17.10 4.16 -7.16
C MET A 39 -17.21 5.65 -7.53
N LYS A 40 -18.39 6.20 -7.34
CA LYS A 40 -18.65 7.62 -7.60
C LYS A 40 -17.77 8.54 -6.75
N GLU A 41 -17.67 8.23 -5.46
CA GLU A 41 -16.81 8.99 -4.55
C GLU A 41 -15.33 8.91 -4.98
N VAL A 42 -14.89 7.69 -5.30
CA VAL A 42 -13.53 7.47 -5.79
C VAL A 42 -13.23 8.36 -7.00
N LEU A 43 -14.16 8.39 -7.95
CA LEU A 43 -14.01 9.23 -9.14
C LEU A 43 -13.95 10.72 -8.77
N PHE A 44 -14.76 11.12 -7.80
CA PHE A 44 -14.80 12.51 -7.36
C PHE A 44 -13.42 12.99 -6.89
N TYR A 45 -12.85 12.23 -5.96
CA TYR A 45 -11.54 12.62 -5.43
C TYR A 45 -10.42 12.47 -6.47
N LEU A 46 -10.52 11.44 -7.32
CA LEU A 46 -9.54 11.23 -8.39
C LEU A 46 -9.49 12.44 -9.31
N GLY A 47 -10.68 12.91 -9.68
CA GLY A 47 -10.80 14.11 -10.49
C GLY A 47 -10.12 15.29 -9.84
N GLN A 48 -10.32 15.47 -8.53
CA GLN A 48 -9.61 16.55 -7.84
C GLN A 48 -8.10 16.46 -7.97
N TYR A 49 -7.58 15.23 -7.82
CA TYR A 49 -6.14 14.98 -7.95
C TYR A 49 -5.62 15.45 -9.31
N ILE A 50 -6.33 15.02 -10.36
CA ILE A 50 -5.94 15.41 -11.72
C ILE A 50 -6.03 16.93 -11.95
N MET A 51 -7.07 17.56 -11.41
CA MET A 51 -7.23 19.02 -11.52
C MET A 51 -6.07 19.76 -10.90
N THR A 52 -5.71 19.36 -9.69
CA THR A 52 -4.61 20.02 -8.97
C THR A 52 -3.29 19.85 -9.70
N LYS A 53 -2.99 18.63 -10.13
CA LYS A 53 -1.70 18.41 -10.78
C LYS A 53 -1.70 18.78 -12.27
N ARG A 54 -2.88 19.13 -12.80
CA ARG A 54 -3.03 19.54 -14.19
C ARG A 54 -2.40 18.53 -15.16
N LEU A 55 -2.71 17.26 -14.97
CA LEU A 55 -2.16 16.21 -15.81
C LEU A 55 -2.78 16.16 -17.19
N TYR A 56 -3.85 16.94 -17.39
CA TYR A 56 -4.51 16.97 -18.68
C TYR A 56 -3.73 17.79 -19.69
N ASP A 57 -4.02 17.55 -20.97
CA ASP A 57 -3.43 18.32 -22.06
C ASP A 57 -4.16 19.65 -22.20
N ALA A 58 -3.40 20.72 -22.36
CA ALA A 58 -3.96 22.06 -22.42
C ALA A 58 -4.90 22.24 -23.61
N ALA A 59 -4.50 21.72 -24.77
CA ALA A 59 -5.27 21.90 -26.00
C ALA A 59 -6.50 20.98 -26.06
N GLN A 60 -6.33 19.73 -25.64
CA GLN A 60 -7.42 18.76 -25.64
C GLN A 60 -7.57 18.17 -24.24
N GLN A 61 -8.43 18.77 -23.44
CA GLN A 61 -8.41 18.56 -22.00
C GLN A 61 -9.12 17.29 -21.52
N HIS A 62 -9.47 16.42 -22.46
CA HIS A 62 -9.97 15.10 -22.12
C HIS A 62 -8.80 14.13 -22.13
N ILE A 63 -7.65 14.60 -22.62
CA ILE A 63 -6.46 13.78 -22.68
C ILE A 63 -5.63 13.95 -21.41
N VAL A 64 -5.41 12.85 -20.70
CA VAL A 64 -4.60 12.86 -19.49
C VAL A 64 -3.26 12.16 -19.73
N TYR A 65 -2.17 12.88 -19.41
CA TYR A 65 -0.82 12.36 -19.47
C TYR A 65 -0.30 12.06 -18.06
N CYS A 66 0.03 10.80 -17.79
CA CYS A 66 0.43 10.43 -16.44
C CYS A 66 1.70 9.57 -16.36
N SER A 67 2.54 9.63 -17.40
CA SER A 67 3.76 8.82 -17.45
C SER A 67 4.71 9.08 -16.29
N ASN A 68 4.74 10.33 -15.82
CA ASN A 68 5.68 10.74 -14.80
C ASN A 68 4.98 11.05 -13.48
N ASP A 69 3.85 10.40 -13.26
CA ASP A 69 3.04 10.63 -12.08
C ASP A 69 2.69 9.30 -11.44
N LEU A 70 2.39 9.31 -10.15
CA LEU A 70 2.00 8.11 -9.43
C LEU A 70 0.71 7.51 -10.00
N LEU A 71 -0.12 8.37 -10.60
CA LEU A 71 -1.34 7.92 -11.24
C LEU A 71 -1.02 6.95 -12.37
N GLY A 72 0.10 7.20 -13.06
CA GLY A 72 0.54 6.34 -14.14
C GLY A 72 1.03 5.00 -13.63
N ASP A 73 1.64 5.00 -12.46
CA ASP A 73 2.07 3.76 -11.83
C ASP A 73 0.85 2.92 -11.45
N LEU A 74 -0.17 3.58 -10.92
CA LEU A 74 -1.39 2.89 -10.52
C LEU A 74 -2.16 2.31 -11.68
N PHE A 75 -2.42 3.17 -12.65
CA PHE A 75 -3.26 2.79 -13.78
C PHE A 75 -2.50 1.90 -14.75
N GLY A 76 -1.18 1.99 -14.74
CA GLY A 76 -0.36 1.17 -15.59
C GLY A 76 -0.37 1.61 -17.05
N VAL A 77 -0.74 2.86 -17.28
CA VAL A 77 -0.78 3.43 -18.62
C VAL A 77 -0.01 4.75 -18.67
N PRO A 78 0.50 5.12 -19.86
CA PRO A 78 1.14 6.43 -19.99
C PRO A 78 0.11 7.55 -20.11
N SER A 79 -1.10 7.20 -20.53
CA SER A 79 -2.13 8.20 -20.78
C SER A 79 -3.49 7.56 -20.93
N PHE A 80 -4.53 8.37 -20.80
CA PHE A 80 -5.87 7.88 -21.09
C PHE A 80 -6.80 9.02 -21.43
N SER A 81 -7.96 8.68 -21.98
CA SER A 81 -8.99 9.66 -22.32
C SER A 81 -10.12 9.69 -21.29
N VAL A 82 -10.46 10.89 -20.82
CA VAL A 82 -11.56 11.09 -19.87
C VAL A 82 -12.89 10.64 -20.48
N LYS A 83 -12.98 10.69 -21.81
CA LYS A 83 -14.17 10.23 -22.51
C LYS A 83 -14.41 8.73 -22.34
N GLU A 84 -13.33 7.99 -22.10
CA GLU A 84 -13.41 6.53 -22.00
C GLU A 84 -13.75 6.08 -20.57
N HIS A 85 -15.01 6.24 -20.19
CA HIS A 85 -15.46 5.99 -18.82
C HIS A 85 -15.18 4.56 -18.36
N ARG A 86 -15.56 3.59 -19.18
CA ARG A 86 -15.40 2.18 -18.84
C ARG A 86 -13.91 1.86 -18.59
N LYS A 87 -13.05 2.40 -19.44
CA LYS A 87 -11.60 2.27 -19.25
C LYS A 87 -11.17 2.72 -17.85
N ILE A 88 -11.67 3.87 -17.44
CA ILE A 88 -11.35 4.45 -16.15
C ILE A 88 -11.82 3.55 -15.01
N TYR A 89 -13.05 3.09 -15.10
CA TYR A 89 -13.60 2.15 -14.11
C TYR A 89 -12.73 0.90 -13.99
N THR A 90 -12.27 0.39 -15.13
CA THR A 90 -11.45 -0.83 -15.15
C THR A 90 -10.11 -0.60 -14.45
N MET A 91 -9.48 0.55 -14.77
CA MET A 91 -8.21 0.90 -14.13
C MET A 91 -8.37 1.08 -12.63
N ILE A 92 -9.55 1.53 -12.20
CA ILE A 92 -9.83 1.58 -10.76
C ILE A 92 -10.01 0.17 -10.17
N TYR A 93 -10.78 -0.66 -10.86
CA TYR A 93 -11.08 -2.01 -10.40
C TYR A 93 -9.82 -2.82 -10.19
N ARG A 94 -8.76 -2.44 -10.89
CA ARG A 94 -7.47 -3.09 -10.68
C ARG A 94 -6.66 -2.53 -9.51
N ASN A 95 -7.18 -1.50 -8.83
CA ASN A 95 -6.50 -0.98 -7.65
C ASN A 95 -7.35 -1.09 -6.38
N LEU A 96 -8.15 -2.15 -6.31
CA LEU A 96 -9.03 -2.40 -5.18
C LEU A 96 -8.57 -3.63 -4.39
N VAL A 97 -8.75 -3.58 -3.07
CA VAL A 97 -8.48 -4.73 -2.20
C VAL A 97 -9.54 -5.81 -2.39
N SER B 6 1.55 -10.86 1.00
CA SER B 6 0.19 -10.47 0.63
C SER B 6 -0.76 -10.51 1.82
N GLN B 7 -1.43 -11.64 1.98
CA GLN B 7 -2.43 -11.71 3.03
C GLN B 7 -2.20 -12.96 3.86
N ILE B 8 -2.31 -12.77 5.15
CA ILE B 8 -2.11 -13.82 6.12
C ILE B 8 -3.40 -13.90 6.92
N PRO B 9 -3.97 -15.10 7.10
CA PRO B 9 -5.24 -15.12 7.83
C PRO B 9 -5.12 -14.67 9.28
N ALA B 10 -6.20 -14.05 9.78
CA ALA B 10 -6.21 -13.50 11.12
C ALA B 10 -5.85 -14.52 12.19
N SER B 11 -6.35 -15.74 12.03
CA SER B 11 -6.10 -16.79 13.01
C SER B 11 -4.61 -17.06 13.17
N GLU B 12 -3.86 -16.96 12.07
CA GLU B 12 -2.42 -17.13 12.14
C GLU B 12 -1.77 -15.91 12.79
N GLN B 13 -2.32 -14.73 12.52
CA GLN B 13 -1.81 -13.49 13.11
C GLN B 13 -1.94 -13.52 14.63
N GLU B 14 -3.00 -14.16 15.12
CA GLU B 14 -3.31 -14.16 16.55
C GLU B 14 -2.67 -15.33 17.29
N THR B 15 -1.94 -16.17 16.56
CA THR B 15 -1.28 -17.33 17.17
C THR B 15 -0.16 -16.87 18.10
N LEU B 16 -0.09 -17.47 19.29
CA LEU B 16 0.92 -17.14 20.30
C LEU B 16 2.20 -17.94 20.10
N VAL B 17 3.33 -17.25 20.10
CA VAL B 17 4.63 -17.84 19.83
C VAL B 17 5.66 -17.43 20.87
N ARG B 18 6.70 -18.23 21.02
CA ARG B 18 7.81 -17.91 21.91
C ARG B 18 9.09 -17.77 21.12
N PRO B 19 9.61 -16.52 21.01
CA PRO B 19 10.81 -16.23 20.24
C PRO B 19 12.07 -16.83 20.85
N LYS B 20 13.01 -17.25 20.01
CA LYS B 20 14.33 -17.66 20.47
C LYS B 20 15.06 -16.45 21.03
N PRO B 21 16.08 -16.69 21.87
CA PRO B 21 16.73 -15.56 22.55
C PRO B 21 17.21 -14.41 21.66
N LEU B 22 17.77 -14.66 20.48
CA LEU B 22 18.29 -13.54 19.67
C LEU B 22 17.16 -12.66 19.11
N LEU B 23 16.11 -13.31 18.60
CA LEU B 23 14.93 -12.61 18.15
C LEU B 23 14.31 -11.82 19.31
N LEU B 24 14.29 -12.44 20.49
CA LEU B 24 13.72 -11.81 21.67
C LEU B 24 14.52 -10.58 22.06
N LYS B 25 15.84 -10.71 22.01
CA LYS B 25 16.74 -9.61 22.31
C LYS B 25 16.45 -8.45 21.37
N LEU B 26 16.26 -8.76 20.09
CA LEU B 26 15.94 -7.73 19.12
C LEU B 26 14.60 -7.05 19.43
N LEU B 27 13.57 -7.84 19.72
CA LEU B 27 12.25 -7.30 20.05
C LEU B 27 12.27 -6.39 21.28
N LYS B 28 12.94 -6.85 22.34
CA LYS B 28 13.02 -6.08 23.56
C LYS B 28 13.87 -4.84 23.38
N SER B 29 14.85 -4.91 22.49
CA SER B 29 15.74 -3.78 22.27
C SER B 29 14.98 -2.55 21.79
N VAL B 30 13.78 -2.75 21.24
CA VAL B 30 12.98 -1.62 20.80
C VAL B 30 11.76 -1.37 21.69
N GLY B 31 11.70 -2.07 22.83
CA GLY B 31 10.69 -1.75 23.83
C GLY B 31 9.70 -2.85 24.19
N ALA B 32 9.76 -4.00 23.54
CA ALA B 32 8.89 -5.12 23.91
C ALA B 32 9.23 -5.58 25.34
N GLN B 33 8.21 -5.99 26.09
CA GLN B 33 8.42 -6.36 27.49
C GLN B 33 8.05 -7.81 27.81
N LYS B 34 7.48 -8.50 26.84
CA LYS B 34 6.96 -9.84 27.10
C LYS B 34 7.92 -10.95 26.70
N ASP B 35 7.51 -12.18 27.00
CA ASP B 35 8.33 -13.34 26.65
C ASP B 35 7.64 -14.15 25.57
N THR B 36 6.31 -14.11 25.55
CA THR B 36 5.54 -14.71 24.46
C THR B 36 4.73 -13.63 23.76
N TYR B 37 4.55 -13.78 22.45
CA TYR B 37 3.89 -12.74 21.65
C TYR B 37 2.94 -13.38 20.67
N THR B 38 1.98 -12.62 20.16
CA THR B 38 1.30 -13.07 18.96
C THR B 38 2.21 -12.72 17.77
N MET B 39 2.04 -13.41 16.66
CA MET B 39 2.80 -13.09 15.45
C MET B 39 2.64 -11.60 15.09
N LYS B 40 1.42 -11.10 15.23
CA LYS B 40 1.10 -9.68 15.02
C LYS B 40 2.03 -8.76 15.81
N GLU B 41 2.18 -9.04 17.11
CA GLU B 41 3.04 -8.24 17.98
C GLU B 41 4.53 -8.32 17.60
N VAL B 42 4.97 -9.54 17.26
CA VAL B 42 6.33 -9.77 16.79
C VAL B 42 6.64 -8.87 15.59
N LEU B 43 5.73 -8.89 14.61
CA LEU B 43 5.84 -8.03 13.43
C LEU B 43 5.86 -6.54 13.80
N PHE B 44 5.01 -6.17 14.76
CA PHE B 44 4.94 -4.80 15.24
C PHE B 44 6.29 -4.30 15.77
N TYR B 45 6.94 -5.07 16.63
CA TYR B 45 8.25 -4.62 17.14
C TYR B 45 9.38 -4.72 16.11
N LEU B 46 9.33 -5.77 15.29
CA LEU B 46 10.32 -5.97 14.22
C LEU B 46 10.37 -4.78 13.24
N GLY B 47 9.18 -4.34 12.86
CA GLY B 47 9.08 -3.15 12.03
C GLY B 47 9.77 -1.94 12.64
N GLN B 48 9.59 -1.74 13.93
CA GLN B 48 10.23 -0.64 14.67
C GLN B 48 11.74 -0.73 14.59
N TYR B 49 12.25 -1.95 14.77
CA TYR B 49 13.69 -2.20 14.61
C TYR B 49 14.18 -1.72 13.25
N ILE B 50 13.54 -2.23 12.18
CA ILE B 50 13.97 -1.85 10.83
C ILE B 50 13.86 -0.34 10.59
N MET B 51 12.80 0.28 11.13
CA MET B 51 12.61 1.74 11.03
C MET B 51 13.78 2.50 11.64
N THR B 52 14.13 2.16 12.88
CA THR B 52 15.22 2.87 13.54
C THR B 52 16.54 2.68 12.82
N LYS B 53 16.88 1.43 12.48
CA LYS B 53 18.17 1.21 11.83
C LYS B 53 18.18 1.59 10.34
N ARG B 54 17.00 1.93 9.81
CA ARG B 54 16.80 2.31 8.41
C ARG B 54 17.41 1.32 7.42
N LEU B 55 17.04 0.05 7.56
CA LEU B 55 17.61 -1.00 6.73
C LEU B 55 16.94 -1.09 5.36
N TYR B 56 15.89 -0.31 5.15
CA TYR B 56 15.20 -0.28 3.87
C TYR B 56 15.98 0.54 2.84
N ASP B 57 15.75 0.24 1.57
CA ASP B 57 16.34 1.00 0.49
C ASP B 57 15.63 2.34 0.33
N ALA B 58 16.39 3.41 0.16
CA ALA B 58 15.83 4.76 0.08
C ALA B 58 14.88 4.90 -1.12
N ALA B 59 15.29 4.40 -2.28
CA ALA B 59 14.52 4.57 -3.51
C ALA B 59 13.29 3.65 -3.56
N GLN B 60 13.45 2.40 -3.12
CA GLN B 60 12.34 1.45 -3.09
C GLN B 60 12.23 0.86 -1.69
N GLN B 61 11.35 1.44 -0.89
CA GLN B 61 11.38 1.24 0.57
C GLN B 61 10.72 -0.04 1.05
N HIS B 62 10.28 -0.88 0.12
CA HIS B 62 9.81 -2.22 0.47
C HIS B 62 10.99 -3.19 0.47
N ILE B 63 12.11 -2.75 -0.08
CA ILE B 63 13.31 -3.58 -0.13
C ILE B 63 14.14 -3.36 1.12
N VAL B 64 14.38 -4.45 1.84
CA VAL B 64 15.19 -4.42 3.05
C VAL B 64 16.53 -5.12 2.86
N TYR B 65 17.59 -4.39 3.14
CA TYR B 65 18.96 -4.90 3.07
C TYR B 65 19.47 -5.18 4.48
N CYS B 66 19.83 -6.43 4.76
CA CYS B 66 20.24 -6.77 6.12
C CYS B 66 21.53 -7.60 6.26
N SER B 67 22.38 -7.62 5.23
CA SER B 67 23.60 -8.43 5.29
C SER B 67 24.52 -8.11 6.45
N ASN B 68 24.57 -6.85 6.84
CA ASN B 68 25.52 -6.44 7.87
C ASN B 68 24.80 -6.12 9.16
N ASP B 69 23.67 -6.80 9.36
CA ASP B 69 22.86 -6.59 10.55
C ASP B 69 22.52 -7.91 11.20
N LEU B 70 22.26 -7.86 12.50
CA LEU B 70 21.78 -9.00 13.28
C LEU B 70 20.54 -9.65 12.63
N LEU B 71 19.72 -8.83 11.99
CA LEU B 71 18.51 -9.31 11.31
C LEU B 71 18.83 -10.28 10.17
N GLY B 72 19.89 -10.00 9.42
CA GLY B 72 20.31 -10.89 8.35
C GLY B 72 20.77 -12.23 8.88
N ASP B 73 21.39 -12.19 10.06
CA ASP B 73 21.82 -13.41 10.72
C ASP B 73 20.61 -14.22 11.18
N LEU B 74 19.61 -13.54 11.74
CA LEU B 74 18.42 -14.23 12.19
C LEU B 74 17.60 -14.84 11.05
N PHE B 75 17.42 -14.05 10.00
CA PHE B 75 16.56 -14.45 8.89
C PHE B 75 17.30 -15.30 7.88
N GLY B 76 18.63 -15.24 7.89
CA GLY B 76 19.44 -16.07 7.02
C GLY B 76 19.38 -15.63 5.57
N VAL B 77 19.16 -14.35 5.35
CA VAL B 77 19.14 -13.80 4.00
C VAL B 77 19.89 -12.49 3.99
N PRO B 78 20.45 -12.13 2.83
CA PRO B 78 21.08 -10.82 2.67
C PRO B 78 20.04 -9.71 2.54
N SER B 79 18.83 -10.09 2.12
CA SER B 79 17.83 -9.11 1.74
C SER B 79 16.45 -9.75 1.65
N PHE B 80 15.41 -8.93 1.79
CA PHE B 80 14.05 -9.44 1.56
C PHE B 80 13.08 -8.32 1.22
N SER B 81 11.89 -8.71 0.77
CA SER B 81 10.87 -7.74 0.37
C SER B 81 9.69 -7.65 1.35
N VAL B 82 9.36 -6.44 1.79
CA VAL B 82 8.25 -6.22 2.71
C VAL B 82 6.91 -6.64 2.08
N LYS B 83 6.85 -6.65 0.75
CA LYS B 83 5.64 -7.07 0.05
C LYS B 83 5.36 -8.57 0.20
N GLU B 84 6.41 -9.34 0.50
CA GLU B 84 6.31 -10.80 0.59
C GLU B 84 5.99 -11.26 2.01
N HIS B 85 4.73 -11.14 2.42
CA HIS B 85 4.35 -11.37 3.81
C HIS B 85 4.66 -12.80 4.30
N ARG B 86 4.31 -13.79 3.48
CA ARG B 86 4.52 -15.19 3.82
C ARG B 86 6.00 -15.51 4.10
N LYS B 87 6.90 -14.96 3.29
CA LYS B 87 8.33 -15.19 3.48
C LYS B 87 8.79 -14.62 4.82
N ILE B 88 8.23 -13.47 5.19
CA ILE B 88 8.53 -12.85 6.47
C ILE B 88 8.08 -13.75 7.61
N TYR B 89 6.83 -14.23 7.51
CA TYR B 89 6.31 -15.17 8.51
C TYR B 89 7.20 -16.43 8.64
N THR B 90 7.64 -16.98 7.52
CA THR B 90 8.51 -18.16 7.53
C THR B 90 9.84 -17.89 8.24
N MET B 91 10.44 -16.75 7.88
CA MET B 91 11.70 -16.36 8.49
C MET B 91 11.54 -16.18 9.99
N ILE B 92 10.37 -15.70 10.43
CA ILE B 92 10.11 -15.61 11.86
C ILE B 92 9.99 -17.01 12.47
N TYR B 93 9.30 -17.91 11.76
CA TYR B 93 9.05 -19.26 12.27
C TYR B 93 10.36 -20.01 12.53
N ARG B 94 11.43 -19.62 11.84
CA ARG B 94 12.78 -20.15 12.10
CA ARG B 94 12.76 -20.17 12.11
C ARG B 94 13.40 -19.71 13.42
N ASN B 95 12.80 -18.72 14.07
CA ASN B 95 13.40 -18.12 15.25
C ASN B 95 12.51 -18.22 16.48
N LEU B 96 11.76 -19.31 16.56
CA LEU B 96 10.88 -19.56 17.68
C LEU B 96 11.32 -20.79 18.47
N VAL B 97 11.21 -20.70 19.79
CA VAL B 97 11.51 -21.81 20.69
C VAL B 97 10.47 -22.92 20.53
C ACE C 1 -14.05 22.26 -25.31
O ACE C 1 -13.60 23.31 -24.84
CH3 ACE C 1 -13.78 21.87 -26.73
N LEU C 2 -14.30 21.22 -24.53
CA LEU C 2 -14.61 21.32 -23.11
C LEU C 2 -13.36 21.50 -22.27
N THR C 3 -13.53 22.00 -21.06
CA THR C 3 -12.46 22.04 -20.07
C THR C 3 -12.30 20.65 -19.47
N PHE C 4 -11.17 20.40 -18.81
CA PHE C 4 -11.01 19.13 -18.14
C PHE C 4 -12.14 18.90 -17.14
N ALA C 5 -12.46 19.92 -16.35
CA ALA C 5 -13.51 19.83 -15.35
C ALA C 5 -14.84 19.42 -15.97
N GLU C 6 -15.13 19.98 -17.13
CA GLU C 6 -16.38 19.67 -17.82
C GLU C 6 -16.42 18.22 -18.29
N TYR C 7 -15.33 17.73 -18.85
CA TYR C 7 -15.28 16.31 -19.21
C TYR C 7 -15.38 15.43 -17.98
N TRP C 8 -14.67 15.78 -16.91
CA TRP C 8 -14.65 14.91 -15.74
C TRP C 8 -16.01 14.88 -15.04
N ALA C 9 -16.71 16.01 -15.06
CA ALA C 9 -18.01 16.12 -14.41
C ALA C 9 -19.03 15.15 -14.98
N GLN C 10 -18.87 14.79 -16.25
CA GLN C 10 -19.78 13.86 -16.89
C GLN C 10 -19.77 12.48 -16.23
N LEU C 11 -18.69 12.18 -15.51
CA LEU C 11 -18.59 10.93 -14.75
C LEU C 11 -19.53 10.93 -13.55
N ALA C 12 -20.03 12.11 -13.18
CA ALA C 12 -20.86 12.23 -12.00
C ALA C 12 -22.29 11.83 -12.30
N SER C 13 -22.71 12.03 -13.55
CA SER C 13 -24.09 11.72 -13.91
C SER C 13 -24.27 10.21 -14.01
N NH2 C 14 -25.37 9.72 -13.45
C ACE D 1 4.84 5.38 -2.52
O ACE D 1 4.49 6.41 -1.92
CH3 ACE D 1 5.08 5.38 -3.99
N LEU D 2 5.00 4.22 -1.90
CA LEU D 2 4.81 4.08 -0.47
C LEU D 2 6.14 4.16 0.29
N THR D 3 6.08 4.69 1.51
CA THR D 3 7.22 4.68 2.40
C THR D 3 7.37 3.30 3.04
N PHE D 4 8.52 3.05 3.67
CA PHE D 4 8.71 1.80 4.40
C PHE D 4 7.56 1.62 5.38
N ALA D 5 7.28 2.66 6.17
CA ALA D 5 6.26 2.57 7.22
C ALA D 5 4.92 2.14 6.65
N GLU D 6 4.60 2.64 5.46
CA GLU D 6 3.33 2.33 4.81
C GLU D 6 3.28 0.89 4.29
N TYR D 7 4.40 0.38 3.78
CA TYR D 7 4.46 -1.02 3.41
C TYR D 7 4.35 -1.92 4.63
N TRP D 8 5.10 -1.60 5.68
CA TRP D 8 5.15 -2.46 6.86
C TRP D 8 3.80 -2.47 7.59
N ALA D 9 3.12 -1.33 7.63
CA ALA D 9 1.83 -1.24 8.30
C ALA D 9 0.79 -2.20 7.72
N GLN D 10 1.00 -2.63 6.48
CA GLN D 10 0.06 -3.55 5.83
C GLN D 10 0.07 -4.92 6.51
N LEU D 11 1.11 -5.19 7.29
CA LEU D 11 1.22 -6.45 8.04
C LEU D 11 0.30 -6.47 9.25
N ALA D 12 -0.15 -5.29 9.64
CA ALA D 12 -1.02 -5.13 10.80
C ALA D 12 -2.46 -5.57 10.50
N SER D 13 -2.93 -5.36 9.29
CA SER D 13 -4.28 -5.83 8.95
C SER D 13 -4.41 -7.33 8.78
N NH2 D 14 -4.94 -8.01 9.82
N FL5 E . -16.39 20.59 -12.12
C1 FL5 E . -15.03 20.80 -12.63
N1 FL5 E . -17.45 20.82 -12.93
C2 FL5 E . -18.17 20.10 -11.00
N2 FL5 E . -18.53 20.51 -12.25
C3 FL5 E . -19.19 19.67 -10.03
C4 FL5 E . -20.22 20.55 -9.72
C7 FL5 E . -23.03 17.53 -7.55
C8 FL5 E . -23.06 19.83 -6.80
C10 FL5 E . -20.13 18.11 -8.43
C11 FL5 E . -19.15 18.42 -9.38
C12 FL5 E . -18.10 17.43 -9.70
C13 FL5 E . -16.72 17.47 -9.61
C14 FL5 E . -19.65 15.53 -10.44
C15 FL5 E . -19.47 14.16 -11.07
C16 FL5 E . -15.80 18.57 -9.22
C17 FL5 E . -14.85 18.31 -8.23
C FL5 E . -15.03 21.39 -14.02
C18 FL5 E . -13.97 19.29 -7.82
C19 FL5 E . -14.00 20.56 -8.38
C20 FL5 E . -12.01 21.21 -7.10
C21 FL5 E . -13.02 22.79 -8.73
C22 FL5 E . -15.01 20.84 -9.31
C23 FL5 E . -15.87 19.85 -9.79
C24 FL5 E . -16.79 20.15 -10.90
C5 FL5 E . -21.19 20.23 -8.79
C6 FL5 E . -21.14 19.00 -8.13
C9 FL5 E . -21.49 18.22 -5.82
N3 FL5 E . -22.16 18.66 -7.09
N4 FL5 E . -16.22 16.26 -10.00
N5 FL5 E . -17.21 15.47 -10.32
N6 FL5 E . -18.36 16.17 -10.15
N7 FL5 E . -13.08 21.51 -8.03
N FL5 F . 3.44 3.22 10.46
C1 FL5 F . 4.80 3.38 9.94
N1 FL5 F . 2.38 3.42 9.64
C2 FL5 F . 1.65 2.78 11.60
N2 FL5 F . 1.30 3.14 10.33
C3 FL5 F . 0.62 2.37 12.58
C4 FL5 F . -0.43 3.26 12.84
C7 FL5 F . -3.44 0.51 14.90
C8 FL5 F . -3.09 2.66 15.97
C10 FL5 F . -0.31 0.85 14.21
C11 FL5 F . 0.67 1.15 13.26
C12 FL5 F . 1.72 0.15 12.97
C13 FL5 F . 3.10 0.20 13.03
C14 FL5 F . 0.17 -1.76 12.26
C15 FL5 F . 0.33 -3.12 11.65
C16 FL5 F . 4.02 1.29 13.40
C17 FL5 F . 4.97 1.04 14.39
C FL5 F . 4.82 4.15 8.64
C18 FL5 F . 5.86 2.03 14.79
C19 FL5 F . 5.81 3.30 14.21
C20 FL5 F . 7.81 3.96 15.49
C21 FL5 F . 6.87 5.47 13.76
C22 FL5 F . 4.81 3.56 13.28
C23 FL5 F . 3.95 2.56 12.82
C24 FL5 F . 3.03 2.84 11.70
C5 FL5 F . -1.41 2.94 13.76
C6 FL5 F . -1.35 1.74 14.46
C9 FL5 F . -1.79 0.71 16.66
N3 FL5 F . -2.40 1.41 15.48
N4 FL5 F . 3.59 -1.02 12.63
N5 FL5 F . 2.60 -1.81 12.34
N6 FL5 F . 1.45 -1.12 12.53
N7 FL5 F . 6.74 4.25 14.54
#